data_2AAY
#
_entry.id   2AAY
#
_cell.length_a   57.678
_cell.length_b   84.916
_cell.length_c   87.542
_cell.angle_alpha   90.00
_cell.angle_beta   90.00
_cell.angle_gamma   90.00
#
_symmetry.space_group_name_H-M   'P 21 21 21'
#
loop_
_entity.id
_entity.type
_entity.pdbx_description
1 polymer '3-phosphoshikimate 1-carboxyvinyltransferase'
2 non-polymer '(3R,4S,5R)-3,4,5-TRIHYDROXYCYCLOHEX-1-ENE-1-CARBOXYLIC ACID'
3 non-polymer GLYPHOSATE
4 non-polymer 'FORMIC ACID'
5 water water
#
_entity_poly.entity_id   1
_entity_poly.type   'polypeptide(L)'
_entity_poly.pdbx_seq_one_letter_code
;MESLTLQPIARVDGTINLPGSKSVSNRALLLAALAHGKTVLTNLLDSDDVRHMLNALTALGVSYTLSADRTRCEIIGNGG
PLHAEGALELFLGNAGTAMRPLAAALCLGSNDIVLTGEPRMKERPIGHLVDALRLGGAKITYLEQENYPPLRLQGGFTGG
NVDVDGSVSSQFLTALLMTAPLAPEDTVIRIKGDLVSKPYIDITLNLMKTFGVEIENQHYQQFVVKGGQSYQSPGTYLVE
GDASSASYFLAAAAIKGGTVKVTGIGRNSMQGDIRFADVLEKMGATICWGDDYISCTRGELNAIDMDMNHIPDAAMTIAT
AALFAKGTTTLRNIYNWRVKETDRLFAMATELRKVGAEVEEGHDYIRITPPEKLNFAEIATYNDHRMAMCFSLVALSDTP
VTILDPKCTAKTFPDYFEQLARISQAA
;
_entity_poly.pdbx_strand_id   A
#
loop_
_chem_comp.id
_chem_comp.type
_chem_comp.name
_chem_comp.formula
FMT non-polymer 'FORMIC ACID' 'C H2 O2'
GPJ non-polymer GLYPHOSATE 'C3 H9 N O5 P 1'
SKM non-polymer '(3R,4S,5R)-3,4,5-TRIHYDROXYCYCLOHEX-1-ENE-1-CARBOXYLIC ACID' 'C7 H10 O5'
#
# COMPACT_ATOMS: atom_id res chain seq x y z
N MET A 1 5.06 0.20 27.06
CA MET A 1 4.08 -0.09 25.97
C MET A 1 4.10 -1.57 25.59
N GLU A 2 3.30 -1.95 24.60
CA GLU A 2 3.27 -3.35 24.17
C GLU A 2 4.50 -3.74 23.39
N SER A 3 4.88 -5.01 23.51
CA SER A 3 6.03 -5.53 22.78
C SER A 3 5.88 -7.04 22.61
N LEU A 4 6.61 -7.55 21.64
CA LEU A 4 6.62 -8.96 21.36
C LEU A 4 8.08 -9.35 21.14
N THR A 5 8.48 -10.47 21.73
CA THR A 5 9.84 -10.94 21.54
C THR A 5 9.78 -12.21 20.70
N LEU A 6 10.51 -12.20 19.60
CA LEU A 6 10.57 -13.34 18.70
C LEU A 6 11.80 -14.18 18.99
N GLN A 7 11.59 -15.47 19.21
CA GLN A 7 12.67 -16.41 19.47
C GLN A 7 13.34 -16.74 18.15
N PRO A 8 14.63 -17.09 18.19
CA PRO A 8 15.34 -17.45 16.96
C PRO A 8 14.55 -18.55 16.24
N ILE A 9 14.48 -18.43 14.93
CA ILE A 9 13.77 -19.36 14.06
C ILE A 9 14.83 -20.15 13.31
N ALA A 10 14.85 -21.46 13.52
CA ALA A 10 15.87 -22.30 12.89
C ALA A 10 15.74 -22.49 11.39
N ARG A 11 14.50 -22.53 10.92
CA ARG A 11 14.24 -22.78 9.51
C ARG A 11 12.81 -22.37 9.22
N VAL A 12 12.53 -21.96 7.99
CA VAL A 12 11.13 -21.68 7.66
C VAL A 12 10.78 -22.56 6.47
N ASP A 13 9.52 -22.98 6.46
CA ASP A 13 9.02 -23.82 5.40
C ASP A 13 7.53 -23.92 5.56
N GLY A 14 6.82 -23.89 4.44
CA GLY A 14 5.38 -24.03 4.52
C GLY A 14 4.62 -23.24 3.48
N THR A 15 3.32 -23.12 3.72
CA THR A 15 2.46 -22.40 2.80
C THR A 15 1.61 -21.40 3.56
N ILE A 16 1.54 -20.19 3.01
CA ILE A 16 0.72 -19.14 3.60
C ILE A 16 -0.33 -18.70 2.59
N ASN A 17 -1.59 -18.67 3.01
CA ASN A 17 -2.67 -18.18 2.15
C ASN A 17 -2.75 -16.71 2.52
N LEU A 18 -2.38 -15.86 1.57
CA LEU A 18 -2.30 -14.43 1.82
C LEU A 18 -3.56 -13.68 2.15
N PRO A 19 -3.42 -12.65 3.00
CA PRO A 19 -4.58 -11.83 3.34
C PRO A 19 -4.78 -11.02 2.05
N GLY A 20 -5.95 -10.43 1.88
CA GLY A 20 -6.20 -9.66 0.66
C GLY A 20 -5.34 -8.42 0.51
N SER A 21 -5.17 -8.01 -0.74
CA SER A 21 -4.40 -6.82 -1.05
C SER A 21 -5.06 -5.53 -0.53
N LYS A 22 -4.31 -4.74 0.22
CA LYS A 22 -4.84 -3.46 0.71
C LYS A 22 -5.12 -2.49 -0.45
N SER A 23 -4.20 -2.42 -1.40
CA SER A 23 -4.36 -1.51 -2.55
C SER A 23 -5.59 -1.84 -3.36
N VAL A 24 -5.79 -3.13 -3.64
CA VAL A 24 -6.95 -3.54 -4.42
C VAL A 24 -8.23 -3.38 -3.61
N SER A 25 -8.16 -3.74 -2.33
CA SER A 25 -9.34 -3.69 -1.49
C SER A 25 -9.96 -2.31 -1.40
N ASN A 26 -9.14 -1.30 -1.10
CA ASN A 26 -9.73 0.01 -0.95
C ASN A 26 -10.20 0.61 -2.27
N ARG A 27 -9.54 0.27 -3.37
CA ARG A 27 -10.02 0.76 -4.67
C ARG A 27 -11.36 0.09 -5.01
N ALA A 28 -11.44 -1.22 -4.78
CA ALA A 28 -12.66 -1.96 -5.10
C ALA A 28 -13.82 -1.49 -4.25
N LEU A 29 -13.57 -1.17 -2.98
CA LEU A 29 -14.68 -0.70 -2.14
C LEU A 29 -15.23 0.64 -2.62
N LEU A 30 -14.33 1.59 -2.92
CA LEU A 30 -14.79 2.90 -3.35
C LEU A 30 -15.51 2.78 -4.69
N LEU A 31 -14.95 2.01 -5.62
CA LEU A 31 -15.60 1.87 -6.92
C LEU A 31 -16.94 1.15 -6.77
N ALA A 32 -17.02 0.14 -5.89
CA ALA A 32 -18.28 -0.57 -5.67
C ALA A 32 -19.31 0.38 -5.09
N ALA A 33 -18.86 1.28 -4.23
CA ALA A 33 -19.78 2.23 -3.63
C ALA A 33 -20.32 3.22 -4.65
N LEU A 34 -19.49 3.60 -5.61
CA LEU A 34 -19.88 4.57 -6.62
C LEU A 34 -20.70 3.92 -7.72
N ALA A 35 -20.47 2.64 -7.93
CA ALA A 35 -21.13 1.89 -9.00
C ALA A 35 -22.62 1.64 -8.84
N HIS A 36 -23.21 1.23 -9.96
CA HIS A 36 -24.61 0.83 -9.97
C HIS A 36 -24.62 -0.68 -9.81
N GLY A 37 -25.50 -1.18 -8.97
CA GLY A 37 -25.58 -2.62 -8.79
C GLY A 37 -24.92 -3.11 -7.53
N LYS A 38 -25.06 -4.39 -7.26
CA LYS A 38 -24.47 -5.01 -6.08
C LYS A 38 -23.17 -5.69 -6.44
N THR A 39 -22.12 -5.34 -5.71
CA THR A 39 -20.83 -5.96 -5.92
C THR A 39 -20.53 -6.89 -4.76
N VAL A 40 -20.08 -8.11 -5.06
CA VAL A 40 -19.70 -9.02 -3.99
C VAL A 40 -18.18 -9.13 -4.10
N LEU A 41 -17.47 -8.68 -3.07
CA LEU A 41 -16.02 -8.77 -3.08
C LEU A 41 -15.62 -9.93 -2.19
N THR A 42 -14.71 -10.77 -2.65
CA THR A 42 -14.26 -11.88 -1.82
C THR A 42 -12.75 -11.72 -1.65
N ASN A 43 -12.22 -12.28 -0.57
CA ASN A 43 -10.81 -12.19 -0.20
C ASN A 43 -10.46 -10.75 0.11
N LEU A 44 -11.45 -9.98 0.54
CA LEU A 44 -11.23 -8.59 0.93
C LEU A 44 -10.32 -8.59 2.16
N LEU A 45 -9.43 -7.61 2.26
CA LEU A 45 -8.55 -7.53 3.42
C LEU A 45 -9.29 -6.96 4.63
N ASP A 46 -9.10 -7.56 5.80
CA ASP A 46 -9.65 -6.98 7.02
C ASP A 46 -8.40 -6.42 7.71
N SER A 47 -8.27 -5.09 7.70
CA SER A 47 -7.12 -4.43 8.36
C SER A 47 -7.54 -3.00 8.66
N ASP A 48 -6.72 -2.24 9.40
CA ASP A 48 -7.13 -0.88 9.72
C ASP A 48 -7.46 -0.04 8.50
N ASP A 49 -6.60 -0.08 7.48
CA ASP A 49 -6.85 0.77 6.33
C ASP A 49 -8.16 0.48 5.64
N VAL A 50 -8.54 -0.79 5.56
CA VAL A 50 -9.80 -1.13 4.92
C VAL A 50 -10.96 -0.79 5.86
N ARG A 51 -10.78 -1.02 7.16
CA ARG A 51 -11.83 -0.68 8.10
C ARG A 51 -12.15 0.82 8.05
N HIS A 52 -11.14 1.67 7.89
CA HIS A 52 -11.44 3.12 7.80
C HIS A 52 -12.23 3.44 6.56
N MET A 53 -11.92 2.78 5.45
CA MET A 53 -12.69 2.99 4.22
C MET A 53 -14.13 2.51 4.45
N LEU A 54 -14.29 1.33 5.04
CA LEU A 54 -15.65 0.81 5.27
C LEU A 54 -16.43 1.73 6.18
N ASN A 55 -15.78 2.26 7.22
CA ASN A 55 -16.48 3.17 8.12
C ASN A 55 -16.86 4.47 7.40
N ALA A 56 -16.01 4.91 6.48
CA ALA A 56 -16.31 6.13 5.75
C ALA A 56 -17.53 5.89 4.85
N LEU A 57 -17.56 4.73 4.22
CA LEU A 57 -18.69 4.40 3.36
C LEU A 57 -19.96 4.34 4.19
N THR A 58 -19.89 3.73 5.37
CA THR A 58 -21.07 3.69 6.23
C THR A 58 -21.53 5.12 6.57
N ALA A 59 -20.58 5.98 6.92
CA ALA A 59 -20.93 7.37 7.27
C ALA A 59 -21.54 8.13 6.10
N LEU A 60 -21.13 7.78 4.89
CA LEU A 60 -21.64 8.43 3.69
C LEU A 60 -22.98 7.87 3.25
N GLY A 61 -23.47 6.86 3.96
CA GLY A 61 -24.76 6.29 3.63
C GLY A 61 -24.76 5.04 2.78
N VAL A 62 -23.59 4.50 2.47
CA VAL A 62 -23.53 3.30 1.64
C VAL A 62 -23.91 2.06 2.47
N SER A 63 -24.73 1.17 1.91
CA SER A 63 -25.13 -0.06 2.60
C SER A 63 -24.29 -1.24 2.13
N TYR A 64 -23.85 -2.04 3.08
CA TYR A 64 -23.08 -3.23 2.73
C TYR A 64 -23.14 -4.19 3.89
N THR A 65 -22.79 -5.45 3.62
CA THR A 65 -22.76 -6.45 4.68
C THR A 65 -21.42 -7.13 4.57
N LEU A 66 -20.93 -7.61 5.70
CA LEU A 66 -19.65 -8.31 5.78
C LEU A 66 -19.84 -9.70 6.36
N SER A 67 -19.06 -10.64 5.86
CA SER A 67 -19.10 -12.01 6.36
C SER A 67 -18.44 -12.01 7.74
N ALA A 68 -18.53 -13.15 8.44
CA ALA A 68 -17.95 -13.24 9.78
C ALA A 68 -16.47 -12.86 9.85
N ASP A 69 -15.69 -13.26 8.85
CA ASP A 69 -14.28 -12.94 8.90
C ASP A 69 -13.93 -11.63 8.20
N ARG A 70 -14.98 -10.93 7.79
CA ARG A 70 -14.86 -9.63 7.12
C ARG A 70 -14.08 -9.67 5.82
N THR A 71 -14.01 -10.84 5.19
CA THR A 71 -13.29 -10.93 3.91
C THR A 71 -14.27 -11.04 2.74
N ARG A 72 -15.56 -11.17 3.03
CA ARG A 72 -16.56 -11.17 1.96
C ARG A 72 -17.44 -9.96 2.22
N CYS A 73 -17.63 -9.12 1.21
CA CYS A 73 -18.43 -7.91 1.38
C CYS A 73 -19.41 -7.75 0.23
N GLU A 74 -20.68 -7.59 0.57
CA GLU A 74 -21.70 -7.38 -0.45
C GLU A 74 -22.08 -5.91 -0.33
N ILE A 75 -21.68 -5.13 -1.34
CA ILE A 75 -21.91 -3.68 -1.36
C ILE A 75 -23.04 -3.27 -2.28
N ILE A 76 -23.95 -2.45 -1.77
CA ILE A 76 -25.05 -1.94 -2.59
C ILE A 76 -24.53 -0.63 -3.18
N GLY A 77 -24.28 -0.62 -4.49
CA GLY A 77 -23.76 0.58 -5.10
C GLY A 77 -24.72 1.75 -5.01
N ASN A 78 -24.14 2.94 -4.88
CA ASN A 78 -24.90 4.16 -4.79
C ASN A 78 -25.40 4.64 -6.14
N GLY A 79 -24.80 4.13 -7.20
CA GLY A 79 -25.18 4.56 -8.54
C GLY A 79 -24.80 6.00 -8.80
N GLY A 80 -23.63 6.40 -8.34
CA GLY A 80 -23.20 7.76 -8.57
C GLY A 80 -22.40 8.30 -7.40
N PRO A 81 -21.89 9.52 -7.52
CA PRO A 81 -21.09 10.20 -6.48
C PRO A 81 -21.73 10.10 -5.10
N LEU A 82 -20.87 9.97 -4.09
CA LEU A 82 -21.31 9.87 -2.71
C LEU A 82 -21.49 11.27 -2.13
N HIS A 83 -22.43 11.42 -1.21
CA HIS A 83 -22.69 12.74 -0.65
C HIS A 83 -22.99 12.82 0.82
N ALA A 84 -22.59 13.94 1.41
CA ALA A 84 -22.88 14.23 2.81
C ALA A 84 -22.67 15.73 2.98
N GLU A 85 -23.32 16.31 3.97
CA GLU A 85 -23.18 17.73 4.25
C GLU A 85 -22.91 17.93 5.72
N GLY A 86 -22.94 19.19 6.14
CA GLY A 86 -22.75 19.52 7.54
C GLY A 86 -21.32 19.31 8.01
N ALA A 87 -20.38 19.36 7.06
CA ALA A 87 -18.97 19.18 7.37
C ALA A 87 -18.75 17.87 8.12
N LEU A 88 -19.41 16.81 7.65
CA LEU A 88 -19.29 15.47 8.24
C LEU A 88 -17.83 15.09 8.29
N GLU A 89 -17.34 14.69 9.45
CA GLU A 89 -15.93 14.34 9.51
C GLU A 89 -15.72 12.86 9.30
N LEU A 90 -14.83 12.53 8.36
CA LEU A 90 -14.49 11.14 8.12
C LEU A 90 -13.06 10.96 8.63
N PHE A 91 -12.92 10.08 9.61
CA PHE A 91 -11.62 9.80 10.22
C PHE A 91 -11.00 8.63 9.47
N LEU A 92 -9.86 8.89 8.83
CA LEU A 92 -9.27 7.87 7.98
C LEU A 92 -7.96 7.25 8.45
N GLY A 93 -7.72 7.32 9.76
CA GLY A 93 -6.51 6.73 10.31
C GLY A 93 -5.29 7.25 9.63
N ASN A 94 -4.48 6.33 9.11
CA ASN A 94 -3.31 6.77 8.37
C ASN A 94 -3.35 6.04 7.04
N ALA A 95 -4.57 5.85 6.55
CA ALA A 95 -4.78 5.17 5.27
C ALA A 95 -4.73 6.07 4.05
N GLY A 96 -3.58 6.11 3.38
CA GLY A 96 -3.46 6.92 2.20
C GLY A 96 -4.40 6.47 1.10
N THR A 97 -4.67 5.17 1.02
CA THR A 97 -5.55 4.66 -0.03
C THR A 97 -7.01 4.98 0.24
N ALA A 98 -7.28 5.59 1.39
CA ALA A 98 -8.63 6.05 1.66
C ALA A 98 -8.60 7.57 1.51
N MET A 99 -7.64 8.21 2.18
CA MET A 99 -7.53 9.67 2.13
C MET A 99 -7.38 10.27 0.73
N ARG A 100 -6.43 9.77 -0.06
CA ARG A 100 -6.25 10.39 -1.35
C ARG A 100 -7.44 10.14 -2.29
N PRO A 101 -7.89 8.88 -2.42
CA PRO A 101 -9.03 8.67 -3.33
C PRO A 101 -10.31 9.38 -2.88
N LEU A 102 -10.59 9.38 -1.58
CA LEU A 102 -11.80 10.07 -1.14
C LEU A 102 -11.67 11.58 -1.27
N ALA A 103 -10.45 12.12 -1.13
CA ALA A 103 -10.27 13.56 -1.25
C ALA A 103 -10.71 13.98 -2.63
N ALA A 104 -10.39 13.16 -3.63
CA ALA A 104 -10.79 13.47 -4.99
C ALA A 104 -12.25 13.14 -5.25
N ALA A 105 -12.65 11.91 -4.92
CA ALA A 105 -14.00 11.50 -5.23
C ALA A 105 -15.10 12.36 -4.65
N LEU A 106 -14.90 12.80 -3.41
CA LEU A 106 -15.92 13.60 -2.76
C LEU A 106 -15.99 15.05 -3.25
N CYS A 107 -15.20 15.37 -4.27
CA CYS A 107 -15.24 16.71 -4.90
C CYS A 107 -16.30 16.73 -6.00
N LEU A 108 -16.89 15.59 -6.31
CA LEU A 108 -17.94 15.52 -7.34
C LEU A 108 -19.27 16.07 -6.83
N GLY A 109 -19.86 16.98 -7.59
CA GLY A 109 -21.15 17.55 -7.18
C GLY A 109 -20.95 18.50 -6.02
N SER A 110 -21.97 18.62 -5.18
CA SER A 110 -21.86 19.49 -4.02
C SER A 110 -21.62 18.55 -2.85
N ASN A 111 -21.00 19.08 -1.82
CA ASN A 111 -20.73 18.32 -0.60
C ASN A 111 -20.17 19.27 0.44
N ASP A 112 -20.13 18.79 1.68
CA ASP A 112 -19.50 19.55 2.77
C ASP A 112 -19.03 18.47 3.71
N ILE A 113 -17.81 18.02 3.45
CA ILE A 113 -17.22 16.92 4.18
C ILE A 113 -15.80 17.22 4.58
N VAL A 114 -15.42 16.75 5.77
CA VAL A 114 -14.07 16.95 6.27
C VAL A 114 -13.36 15.61 6.36
N LEU A 115 -12.15 15.56 5.82
CA LEU A 115 -11.34 14.36 5.87
C LEU A 115 -10.17 14.59 6.81
N THR A 116 -10.01 13.71 7.78
CA THR A 116 -8.90 13.84 8.71
C THR A 116 -8.37 12.46 9.07
N GLY A 117 -7.43 12.43 10.00
CA GLY A 117 -6.87 11.15 10.40
C GLY A 117 -5.93 11.31 11.57
N GLU A 118 -5.09 10.30 11.75
CA GLU A 118 -4.11 10.30 12.84
C GLU A 118 -3.07 11.39 12.64
N PRO A 119 -2.35 11.75 13.70
CA PRO A 119 -1.35 12.80 13.60
C PRO A 119 -0.43 12.68 12.40
N ARG A 120 0.09 11.48 12.17
CA ARG A 120 1.00 11.31 11.03
C ARG A 120 0.33 11.63 9.71
N MET A 121 -0.95 11.31 9.58
CA MET A 121 -1.62 11.62 8.32
C MET A 121 -1.67 13.11 8.07
N LYS A 122 -1.68 13.91 9.14
CA LYS A 122 -1.68 15.36 8.98
C LYS A 122 -0.30 15.90 8.59
N GLU A 123 0.66 14.99 8.45
CA GLU A 123 2.01 15.31 8.07
C GLU A 123 2.38 14.64 6.73
N ARG A 124 1.41 14.00 6.10
CA ARG A 124 1.67 13.34 4.81
C ARG A 124 1.07 14.25 3.76
N PRO A 125 1.89 14.66 2.77
CA PRO A 125 1.44 15.58 1.73
C PRO A 125 0.26 15.23 0.87
N ILE A 126 -0.54 16.25 0.57
CA ILE A 126 -1.69 16.04 -0.31
C ILE A 126 -1.90 17.28 -1.18
N GLY A 127 -1.02 18.26 -1.03
CA GLY A 127 -1.16 19.50 -1.78
C GLY A 127 -1.20 19.36 -3.29
N HIS A 128 -0.38 18.47 -3.84
CA HIS A 128 -0.39 18.33 -5.28
C HIS A 128 -1.70 17.77 -5.82
N LEU A 129 -2.40 16.96 -5.02
CA LEU A 129 -3.70 16.45 -5.42
C LEU A 129 -4.73 17.59 -5.30
N VAL A 130 -4.64 18.35 -4.20
CA VAL A 130 -5.55 19.48 -4.01
C VAL A 130 -5.39 20.50 -5.15
N ASP A 131 -4.15 20.76 -5.53
CA ASP A 131 -3.91 21.71 -6.61
C ASP A 131 -4.62 21.24 -7.87
N ALA A 132 -4.48 19.96 -8.20
CA ALA A 132 -5.10 19.38 -9.40
C ALA A 132 -6.62 19.45 -9.32
N LEU A 133 -7.19 19.08 -8.17
CA LEU A 133 -8.65 19.11 -7.99
C LEU A 133 -9.20 20.53 -8.16
N ARG A 134 -8.48 21.51 -7.63
CA ARG A 134 -8.90 22.90 -7.76
C ARG A 134 -8.88 23.35 -9.22
N LEU A 135 -7.87 22.93 -9.98
CA LEU A 135 -7.82 23.29 -11.40
C LEU A 135 -9.06 22.76 -12.11
N GLY A 136 -9.63 21.68 -11.59
CA GLY A 136 -10.81 21.11 -12.19
C GLY A 136 -12.10 21.68 -11.63
N GLY A 137 -11.99 22.66 -10.74
CA GLY A 137 -13.16 23.32 -10.19
C GLY A 137 -13.51 23.08 -8.73
N ALA A 138 -12.82 22.15 -8.10
CA ALA A 138 -13.15 21.84 -6.72
C ALA A 138 -12.84 22.94 -5.71
N LYS A 139 -13.68 23.03 -4.69
CA LYS A 139 -13.44 23.97 -3.60
C LYS A 139 -12.94 23.10 -2.44
N ILE A 140 -11.71 23.38 -2.01
CA ILE A 140 -11.06 22.61 -0.95
C ILE A 140 -10.35 23.58 -0.02
N THR A 141 -10.54 23.37 1.28
CA THR A 141 -9.91 24.19 2.30
C THR A 141 -9.02 23.38 3.23
N TYR A 142 -7.80 23.88 3.50
CA TYR A 142 -6.90 23.25 4.44
C TYR A 142 -7.31 23.79 5.80
N LEU A 143 -7.73 22.90 6.69
CA LEU A 143 -8.16 23.33 8.02
C LEU A 143 -7.03 23.51 8.98
N GLU A 144 -5.87 22.92 8.69
CA GLU A 144 -4.69 23.09 9.55
C GLU A 144 -3.54 23.56 8.70
N GLN A 145 -2.53 22.72 8.51
CA GLN A 145 -1.38 23.10 7.72
C GLN A 145 -1.64 23.03 6.22
N GLU A 146 -1.24 24.09 5.53
CA GLU A 146 -1.37 24.15 4.08
C GLU A 146 -0.63 22.94 3.51
N ASN A 147 -1.26 22.30 2.52
CA ASN A 147 -0.73 21.14 1.80
C ASN A 147 -0.90 19.79 2.47
N TYR A 148 -1.62 19.76 3.59
CA TYR A 148 -1.83 18.51 4.33
C TYR A 148 -3.25 18.39 4.85
N PRO A 149 -3.67 17.14 5.18
CA PRO A 149 -5.01 16.96 5.73
C PRO A 149 -4.85 17.66 7.09
N PRO A 150 -5.96 18.02 7.73
CA PRO A 150 -7.32 17.77 7.27
C PRO A 150 -7.83 18.73 6.20
N LEU A 151 -8.75 18.22 5.37
CA LEU A 151 -9.34 19.00 4.30
C LEU A 151 -10.83 19.14 4.47
N ARG A 152 -11.37 20.30 4.09
CA ARG A 152 -12.82 20.50 4.05
C ARG A 152 -13.13 20.55 2.55
N LEU A 153 -13.95 19.61 2.11
CA LEU A 153 -14.30 19.45 0.69
C LEU A 153 -15.70 19.99 0.44
N GLN A 154 -15.82 20.98 -0.43
CA GLN A 154 -17.13 21.53 -0.71
C GLN A 154 -17.61 21.34 -2.13
N GLY A 155 -17.00 20.36 -2.79
CA GLY A 155 -17.39 19.99 -4.13
C GLY A 155 -17.00 20.90 -5.27
N GLY A 156 -17.61 20.65 -6.42
CA GLY A 156 -17.32 21.49 -7.57
C GLY A 156 -16.38 20.99 -8.65
N PHE A 157 -15.86 19.77 -8.53
CA PHE A 157 -14.98 19.27 -9.58
C PHE A 157 -15.82 18.92 -10.80
N THR A 158 -15.66 19.69 -11.87
CA THR A 158 -16.44 19.44 -13.08
C THR A 158 -15.63 18.80 -14.21
N GLY A 159 -14.30 18.91 -14.12
CA GLY A 159 -13.43 18.35 -15.14
C GLY A 159 -12.59 19.44 -15.81
N GLY A 160 -12.15 19.17 -17.04
CA GLY A 160 -11.36 20.15 -17.75
C GLY A 160 -9.89 19.80 -17.78
N ASN A 161 -9.04 20.80 -17.97
CA ASN A 161 -7.61 20.58 -18.01
C ASN A 161 -7.03 20.63 -16.61
N VAL A 162 -6.49 19.49 -16.19
CA VAL A 162 -5.92 19.32 -14.86
C VAL A 162 -4.46 18.90 -14.93
N ASP A 163 -3.59 19.60 -14.21
CA ASP A 163 -2.18 19.19 -14.16
C ASP A 163 -1.99 18.57 -12.79
N VAL A 164 -1.12 17.58 -12.71
CA VAL A 164 -0.81 16.98 -11.42
C VAL A 164 0.66 16.55 -11.36
N ASP A 165 1.27 16.78 -10.21
CA ASP A 165 2.67 16.40 -9.99
C ASP A 165 2.63 14.93 -9.55
N GLY A 166 3.31 14.04 -10.26
CA GLY A 166 3.31 12.65 -9.85
C GLY A 166 4.71 12.21 -9.47
N SER A 167 5.58 13.17 -9.19
CA SER A 167 6.97 12.85 -8.90
C SER A 167 7.24 12.24 -7.54
N VAL A 168 6.31 12.38 -6.61
CA VAL A 168 6.51 11.81 -5.27
C VAL A 168 5.47 10.78 -4.92
N SER A 169 4.22 11.04 -5.26
CA SER A 169 3.16 10.09 -4.97
C SER A 169 2.33 9.74 -6.19
N SER A 170 2.16 8.47 -6.46
CA SER A 170 1.32 8.07 -7.59
C SER A 170 -0.15 8.14 -7.14
N GLN A 171 -0.38 8.22 -5.82
CA GLN A 171 -1.74 8.22 -5.32
C GLN A 171 -2.53 9.44 -5.75
N PHE A 172 -1.86 10.54 -6.00
CA PHE A 172 -2.60 11.73 -6.42
C PHE A 172 -3.23 11.46 -7.80
N LEU A 173 -2.46 10.88 -8.73
CA LEU A 173 -2.98 10.55 -10.05
C LEU A 173 -4.06 9.47 -9.93
N THR A 174 -3.80 8.47 -9.08
CA THR A 174 -4.79 7.41 -8.91
C THR A 174 -6.11 8.02 -8.49
N ALA A 175 -6.07 8.95 -7.54
CA ALA A 175 -7.29 9.57 -7.06
C ALA A 175 -8.04 10.33 -8.16
N LEU A 176 -7.27 11.05 -8.99
CA LEU A 176 -7.88 11.79 -10.08
C LEU A 176 -8.48 10.85 -11.13
N LEU A 177 -7.76 9.79 -11.45
CA LEU A 177 -8.25 8.82 -12.45
C LEU A 177 -9.58 8.18 -12.03
N MET A 178 -9.73 7.81 -10.76
CA MET A 178 -10.97 7.19 -10.37
C MET A 178 -12.14 8.16 -10.35
N THR A 179 -11.84 9.43 -10.09
CA THR A 179 -12.86 10.45 -9.99
C THR A 179 -13.35 11.05 -11.31
N ALA A 180 -12.41 11.38 -12.18
CA ALA A 180 -12.71 12.04 -13.45
C ALA A 180 -13.85 11.48 -14.31
N PRO A 181 -13.95 10.15 -14.44
CA PRO A 181 -15.03 9.58 -15.27
C PRO A 181 -16.43 10.00 -14.86
N LEU A 182 -16.61 10.33 -13.58
CA LEU A 182 -17.94 10.71 -13.10
C LEU A 182 -18.22 12.19 -13.16
N ALA A 183 -17.21 12.97 -13.57
CA ALA A 183 -17.36 14.41 -13.68
C ALA A 183 -18.18 14.69 -14.94
N PRO A 184 -18.99 15.77 -14.94
CA PRO A 184 -19.82 16.11 -16.10
C PRO A 184 -19.08 16.42 -17.39
N GLU A 185 -17.88 17.00 -17.28
CA GLU A 185 -17.10 17.34 -18.46
C GLU A 185 -15.92 16.42 -18.62
N ASP A 186 -15.37 16.37 -19.83
CA ASP A 186 -14.18 15.55 -20.09
C ASP A 186 -13.02 16.20 -19.35
N THR A 187 -12.02 15.37 -19.01
CA THR A 187 -10.86 15.82 -18.27
C THR A 187 -9.58 15.36 -18.93
N VAL A 188 -8.59 16.24 -19.00
CA VAL A 188 -7.31 15.85 -19.54
C VAL A 188 -6.36 16.05 -18.37
N ILE A 189 -5.81 14.94 -17.88
CA ILE A 189 -4.88 14.98 -16.78
C ILE A 189 -3.46 14.95 -17.31
N ARG A 190 -2.72 16.02 -17.08
CA ARG A 190 -1.37 16.13 -17.56
C ARG A 190 -0.42 15.94 -16.39
N ILE A 191 0.57 15.06 -16.54
CA ILE A 191 1.57 14.84 -15.50
C ILE A 191 2.62 15.94 -15.69
N LYS A 192 2.86 16.73 -14.65
CA LYS A 192 3.81 17.84 -14.75
C LYS A 192 5.21 17.41 -15.17
N GLY A 193 5.79 16.49 -14.42
CA GLY A 193 7.14 16.05 -14.75
C GLY A 193 7.16 14.54 -14.84
N ASP A 194 7.90 13.93 -13.93
CA ASP A 194 7.96 12.48 -13.95
C ASP A 194 6.93 11.89 -13.03
N LEU A 195 6.65 10.62 -13.28
CA LEU A 195 5.70 9.85 -12.50
C LEU A 195 6.48 8.80 -11.73
N VAL A 196 6.20 8.68 -10.44
CA VAL A 196 6.87 7.67 -9.62
C VAL A 196 5.92 6.47 -9.40
N SER A 197 6.49 5.28 -9.14
CA SER A 197 5.71 4.06 -8.88
C SER A 197 4.51 3.76 -9.81
N LYS A 198 4.80 3.70 -11.12
CA LYS A 198 3.83 3.39 -12.19
C LYS A 198 2.94 2.15 -12.00
N PRO A 199 3.47 1.12 -11.33
CA PRO A 199 2.62 -0.05 -11.16
C PRO A 199 1.31 0.23 -10.42
N TYR A 200 1.31 1.20 -9.51
CA TYR A 200 0.06 1.47 -8.80
C TYR A 200 -0.97 2.15 -9.70
N ILE A 201 -0.49 2.85 -10.73
CA ILE A 201 -1.41 3.48 -11.67
C ILE A 201 -2.04 2.34 -12.49
N ASP A 202 -1.24 1.33 -12.83
CA ASP A 202 -1.77 0.18 -13.56
C ASP A 202 -2.83 -0.54 -12.72
N ILE A 203 -2.62 -0.62 -11.41
CA ILE A 203 -3.63 -1.27 -10.58
C ILE A 203 -4.93 -0.45 -10.67
N THR A 204 -4.83 0.87 -10.58
CA THR A 204 -6.02 1.72 -10.64
C THR A 204 -6.77 1.54 -11.94
N LEU A 205 -6.04 1.57 -13.05
CA LEU A 205 -6.69 1.41 -14.36
C LEU A 205 -7.31 0.03 -14.51
N ASN A 206 -6.66 -0.97 -13.94
CA ASN A 206 -7.17 -2.33 -13.98
C ASN A 206 -8.51 -2.37 -13.23
N LEU A 207 -8.55 -1.83 -12.02
CA LEU A 207 -9.80 -1.84 -11.26
C LEU A 207 -10.89 -1.01 -11.96
N MET A 208 -10.53 0.16 -12.48
CA MET A 208 -11.53 0.98 -13.18
C MET A 208 -12.16 0.19 -14.32
N LYS A 209 -11.33 -0.50 -15.09
CA LYS A 209 -11.87 -1.29 -16.20
C LYS A 209 -12.79 -2.40 -15.70
N THR A 210 -12.42 -3.04 -14.59
CA THR A 210 -13.29 -4.07 -14.01
C THR A 210 -14.67 -3.48 -13.71
N PHE A 211 -14.67 -2.22 -13.27
CA PHE A 211 -15.91 -1.53 -12.95
C PHE A 211 -16.50 -0.76 -14.13
N GLY A 212 -16.07 -1.14 -15.33
CA GLY A 212 -16.65 -0.59 -16.56
C GLY A 212 -16.15 0.68 -17.19
N VAL A 213 -15.00 1.17 -16.75
CA VAL A 213 -14.51 2.41 -17.31
C VAL A 213 -13.09 2.32 -17.80
N GLU A 214 -12.85 2.83 -18.99
CA GLU A 214 -11.53 2.86 -19.55
C GLU A 214 -11.22 4.31 -19.92
N ILE A 215 -9.94 4.64 -19.97
CA ILE A 215 -9.52 5.98 -20.33
C ILE A 215 -8.36 5.88 -21.33
N GLU A 216 -7.92 7.01 -21.84
CA GLU A 216 -6.82 7.01 -22.80
C GLU A 216 -5.54 7.39 -22.08
N ASN A 217 -4.63 6.43 -21.97
CA ASN A 217 -3.35 6.63 -21.31
C ASN A 217 -2.31 6.93 -22.39
N GLN A 218 -1.82 8.16 -22.42
CA GLN A 218 -0.81 8.54 -23.41
C GLN A 218 0.59 8.47 -22.79
N HIS A 219 1.15 7.26 -22.82
CA HIS A 219 2.48 6.95 -22.30
C HIS A 219 2.73 7.49 -20.91
N TYR A 220 1.68 7.44 -20.08
CA TYR A 220 1.73 7.89 -18.69
C TYR A 220 2.10 9.35 -18.51
N GLN A 221 1.97 10.15 -19.56
CA GLN A 221 2.30 11.56 -19.46
C GLN A 221 1.04 12.40 -19.47
N GLN A 222 0.00 11.85 -20.07
CA GLN A 222 -1.28 12.54 -20.14
C GLN A 222 -2.36 11.47 -20.17
N PHE A 223 -3.46 11.73 -19.46
CA PHE A 223 -4.55 10.79 -19.44
C PHE A 223 -5.83 11.52 -19.86
N VAL A 224 -6.45 11.03 -20.93
CA VAL A 224 -7.67 11.63 -21.44
C VAL A 224 -8.87 10.84 -20.95
N VAL A 225 -9.75 11.52 -20.22
CA VAL A 225 -10.92 10.90 -19.62
C VAL A 225 -12.22 11.48 -20.15
N LYS A 226 -13.15 10.62 -20.55
CA LYS A 226 -14.43 11.11 -21.01
C LYS A 226 -15.32 11.26 -19.77
N GLY A 227 -16.03 12.38 -19.66
CA GLY A 227 -16.90 12.59 -18.52
C GLY A 227 -18.26 11.94 -18.73
N GLY A 228 -19.14 12.06 -17.74
CA GLY A 228 -20.48 11.51 -17.82
C GLY A 228 -20.60 10.00 -17.85
N GLN A 229 -19.60 9.31 -17.32
CA GLN A 229 -19.62 7.86 -17.28
C GLN A 229 -20.20 7.40 -15.96
N SER A 230 -20.39 6.09 -15.86
CA SER A 230 -20.91 5.49 -14.66
C SER A 230 -20.15 4.22 -14.39
N TYR A 231 -19.84 3.94 -13.12
CA TYR A 231 -19.20 2.66 -12.81
C TYR A 231 -20.31 1.63 -12.67
N GLN A 232 -20.00 0.39 -13.03
CA GLN A 232 -20.99 -0.70 -12.99
C GLN A 232 -20.46 -1.88 -12.22
N SER A 233 -21.29 -2.47 -11.37
CA SER A 233 -20.85 -3.63 -10.60
C SER A 233 -20.35 -4.76 -11.49
N PRO A 234 -19.22 -5.39 -11.13
CA PRO A 234 -18.68 -6.50 -11.92
C PRO A 234 -19.32 -7.82 -11.45
N GLY A 235 -20.26 -7.73 -10.51
CA GLY A 235 -20.86 -8.93 -9.97
C GLY A 235 -19.99 -9.42 -8.83
N THR A 236 -19.39 -10.59 -8.97
CA THR A 236 -18.50 -11.13 -7.95
C THR A 236 -17.07 -10.82 -8.36
N TYR A 237 -16.27 -10.33 -7.43
CA TYR A 237 -14.90 -9.94 -7.74
C TYR A 237 -13.96 -10.49 -6.68
N LEU A 238 -12.90 -11.15 -7.11
CA LEU A 238 -11.92 -11.72 -6.20
C LEU A 238 -10.74 -10.80 -6.04
N VAL A 239 -10.53 -10.36 -4.81
CA VAL A 239 -9.42 -9.47 -4.49
C VAL A 239 -8.15 -10.32 -4.41
N GLU A 240 -7.11 -9.92 -5.13
CA GLU A 240 -5.84 -10.64 -5.08
C GLU A 240 -5.25 -10.64 -3.66
N GLY A 241 -4.47 -11.67 -3.35
CA GLY A 241 -3.76 -11.69 -2.07
C GLY A 241 -2.75 -10.55 -2.12
N ASP A 242 -2.30 -10.07 -0.98
CA ASP A 242 -1.39 -8.93 -0.94
C ASP A 242 0.07 -9.29 -1.21
N ALA A 243 0.60 -8.80 -2.32
CA ALA A 243 1.98 -9.09 -2.71
C ALA A 243 3.01 -8.41 -1.80
N SER A 244 2.63 -7.29 -1.19
CA SER A 244 3.55 -6.61 -0.28
C SER A 244 3.62 -7.46 1.00
N SER A 245 2.47 -7.93 1.47
CA SER A 245 2.43 -8.80 2.65
C SER A 245 3.18 -10.10 2.40
N ALA A 246 3.17 -10.57 1.15
CA ALA A 246 3.88 -11.79 0.78
C ALA A 246 5.40 -11.66 0.91
N SER A 247 5.90 -10.44 0.76
CA SER A 247 7.36 -10.26 0.76
C SER A 247 8.09 -10.81 1.95
N TYR A 248 7.49 -10.70 3.13
CA TYR A 248 8.17 -11.16 4.33
C TYR A 248 8.39 -12.66 4.33
N PHE A 249 7.39 -13.38 3.84
CA PHE A 249 7.44 -14.83 3.85
C PHE A 249 8.38 -15.36 2.79
N LEU A 250 8.36 -14.74 1.61
CA LEU A 250 9.28 -15.15 0.55
C LEU A 250 10.71 -14.84 0.98
N ALA A 251 10.93 -13.67 1.58
CA ALA A 251 12.27 -13.31 2.05
C ALA A 251 12.69 -14.24 3.16
N ALA A 252 11.75 -14.64 4.01
CA ALA A 252 12.14 -15.53 5.09
C ALA A 252 12.75 -16.82 4.52
N ALA A 253 12.17 -17.35 3.45
CA ALA A 253 12.70 -18.56 2.84
C ALA A 253 14.04 -18.27 2.18
N ALA A 254 14.18 -17.09 1.58
CA ALA A 254 15.46 -16.77 0.97
C ALA A 254 16.58 -16.73 2.01
N ILE A 255 16.24 -16.41 3.25
CA ILE A 255 17.20 -16.32 4.33
C ILE A 255 17.40 -17.63 5.10
N LYS A 256 16.29 -18.31 5.39
CA LYS A 256 16.32 -19.46 6.27
C LYS A 256 15.52 -20.67 5.83
N GLY A 257 15.18 -20.77 4.55
CA GLY A 257 14.40 -21.91 4.08
C GLY A 257 15.28 -23.11 3.75
N GLY A 258 14.68 -24.21 3.30
CA GLY A 258 13.25 -24.33 3.18
C GLY A 258 12.63 -23.69 1.96
N THR A 259 11.36 -24.00 1.77
CA THR A 259 10.58 -23.44 0.68
C THR A 259 9.32 -22.88 1.30
N VAL A 260 9.03 -21.63 0.97
CA VAL A 260 7.80 -21.01 1.44
C VAL A 260 7.00 -20.61 0.22
N LYS A 261 5.76 -21.09 0.20
CA LYS A 261 4.83 -20.80 -0.87
C LYS A 261 3.73 -19.87 -0.34
N VAL A 262 3.45 -18.81 -1.09
CA VAL A 262 2.36 -17.92 -0.74
C VAL A 262 1.30 -18.10 -1.82
N THR A 263 0.05 -18.19 -1.39
CA THR A 263 -1.04 -18.39 -2.35
C THR A 263 -1.93 -17.18 -2.37
N GLY A 264 -2.61 -16.97 -3.49
CA GLY A 264 -3.46 -15.80 -3.58
C GLY A 264 -2.89 -14.82 -4.60
N ILE A 265 -1.65 -15.02 -5.01
CA ILE A 265 -1.02 -14.18 -6.04
C ILE A 265 -0.20 -15.12 -6.90
N GLY A 266 0.06 -14.71 -8.13
CA GLY A 266 0.81 -15.56 -9.02
C GLY A 266 1.37 -14.72 -10.15
N ARG A 267 1.83 -15.38 -11.19
CA ARG A 267 2.46 -14.68 -12.30
C ARG A 267 1.58 -13.66 -13.02
N ASN A 268 0.27 -13.82 -12.92
CA ASN A 268 -0.67 -12.91 -13.59
C ASN A 268 -1.14 -11.74 -12.73
N SER A 269 -0.61 -11.64 -11.52
CA SER A 269 -1.04 -10.56 -10.62
C SER A 269 -0.84 -9.16 -11.16
N MET A 270 -1.75 -8.27 -10.80
CA MET A 270 -1.67 -6.89 -11.24
C MET A 270 -0.76 -6.07 -10.33
N GLN A 271 -0.40 -6.62 -9.17
CA GLN A 271 0.43 -5.86 -8.24
C GLN A 271 1.90 -5.82 -8.61
N GLY A 272 2.47 -4.62 -8.57
CA GLY A 272 3.87 -4.46 -8.88
C GLY A 272 4.77 -5.16 -7.87
N ASP A 273 4.30 -5.35 -6.64
CA ASP A 273 5.20 -5.99 -5.68
C ASP A 273 5.49 -7.45 -5.91
N ILE A 274 4.86 -8.07 -6.91
CA ILE A 274 5.26 -9.45 -7.17
C ILE A 274 6.70 -9.42 -7.72
N ARG A 275 7.15 -8.26 -8.21
CA ARG A 275 8.52 -8.15 -8.75
C ARG A 275 9.57 -8.23 -7.64
N PHE A 276 9.11 -8.24 -6.40
CA PHE A 276 9.99 -8.40 -5.26
C PHE A 276 10.63 -9.79 -5.40
N ALA A 277 9.88 -10.74 -5.93
CA ALA A 277 10.43 -12.10 -6.12
C ALA A 277 11.67 -12.06 -7.02
N ASP A 278 11.64 -11.18 -8.02
CA ASP A 278 12.76 -11.03 -8.94
C ASP A 278 14.01 -10.57 -8.20
N VAL A 279 13.84 -9.71 -7.20
CA VAL A 279 14.96 -9.23 -6.43
C VAL A 279 15.57 -10.38 -5.60
N LEU A 280 14.72 -11.20 -4.99
CA LEU A 280 15.26 -12.32 -4.23
C LEU A 280 16.04 -13.26 -5.18
N GLU A 281 15.51 -13.43 -6.38
CA GLU A 281 16.18 -14.29 -7.35
C GLU A 281 17.55 -13.68 -7.68
N LYS A 282 17.60 -12.36 -7.87
CA LYS A 282 18.86 -11.71 -8.17
C LYS A 282 19.86 -11.88 -7.02
N MET A 283 19.35 -11.99 -5.78
CA MET A 283 20.19 -12.17 -4.62
C MET A 283 20.68 -13.62 -4.46
N GLY A 284 20.07 -14.53 -5.18
CA GLY A 284 20.52 -15.91 -5.08
C GLY A 284 19.50 -16.93 -4.65
N ALA A 285 18.26 -16.49 -4.40
CA ALA A 285 17.20 -17.43 -4.02
C ALA A 285 16.57 -18.02 -5.29
N THR A 286 15.85 -19.12 -5.12
CA THR A 286 15.14 -19.79 -6.21
C THR A 286 13.68 -19.41 -6.07
N ILE A 287 13.04 -19.07 -7.18
CA ILE A 287 11.63 -18.68 -7.17
C ILE A 287 10.86 -19.59 -8.12
N CYS A 288 9.66 -20.00 -7.70
CA CYS A 288 8.79 -20.78 -8.56
C CYS A 288 7.52 -19.97 -8.72
N TRP A 289 7.00 -19.94 -9.94
CA TRP A 289 5.80 -19.20 -10.25
C TRP A 289 4.63 -20.09 -10.62
N GLY A 290 3.46 -19.76 -10.09
CA GLY A 290 2.28 -20.51 -10.43
C GLY A 290 1.19 -19.54 -10.80
N ASP A 291 0.03 -20.11 -11.10
CA ASP A 291 -1.15 -19.36 -11.45
C ASP A 291 -1.64 -18.64 -10.21
N ASP A 292 -1.63 -19.34 -9.09
CA ASP A 292 -2.12 -18.76 -7.87
C ASP A 292 -1.15 -18.90 -6.71
N TYR A 293 0.13 -18.98 -7.03
CA TYR A 293 1.16 -19.00 -5.97
C TYR A 293 2.48 -18.52 -6.51
N ILE A 294 3.34 -18.14 -5.55
CA ILE A 294 4.72 -17.80 -5.79
C ILE A 294 5.44 -18.50 -4.64
N SER A 295 6.52 -19.20 -4.91
CA SER A 295 7.26 -19.81 -3.80
C SER A 295 8.71 -19.42 -3.92
N CYS A 296 9.40 -19.45 -2.80
CA CYS A 296 10.81 -19.12 -2.76
C CYS A 296 11.52 -20.21 -1.99
N THR A 297 12.65 -20.65 -2.52
CA THR A 297 13.45 -21.69 -1.88
C THR A 297 14.86 -21.16 -1.64
N ARG A 298 15.38 -21.41 -0.45
CA ARG A 298 16.72 -20.96 -0.10
C ARG A 298 17.77 -21.40 -1.11
N GLY A 299 18.65 -20.47 -1.48
CA GLY A 299 19.76 -20.75 -2.36
C GLY A 299 20.91 -20.11 -1.61
N GLU A 300 21.27 -18.92 -2.02
CA GLU A 300 22.28 -18.17 -1.29
C GLU A 300 21.78 -16.74 -1.25
N LEU A 301 22.51 -15.87 -0.57
CA LEU A 301 22.04 -14.50 -0.48
C LEU A 301 23.19 -13.53 -0.61
N ASN A 302 23.23 -12.85 -1.74
CA ASN A 302 24.25 -11.89 -2.06
C ASN A 302 23.67 -10.50 -2.11
N ALA A 303 24.47 -9.52 -1.68
CA ALA A 303 24.03 -8.12 -1.69
C ALA A 303 23.76 -7.64 -3.11
N ILE A 304 22.91 -6.63 -3.23
CA ILE A 304 22.56 -6.06 -4.52
C ILE A 304 22.58 -4.55 -4.39
N ASP A 305 22.65 -3.88 -5.54
CA ASP A 305 22.65 -2.43 -5.62
C ASP A 305 21.67 -2.12 -6.74
N MET A 306 20.48 -1.67 -6.39
CA MET A 306 19.51 -1.36 -7.42
C MET A 306 18.47 -0.34 -7.03
N ASP A 307 17.85 0.21 -8.06
CA ASP A 307 16.79 1.20 -7.94
C ASP A 307 15.54 0.41 -7.49
N MET A 308 14.84 0.91 -6.48
CA MET A 308 13.68 0.21 -5.93
C MET A 308 12.37 0.99 -6.02
N ASN A 309 12.35 2.04 -6.85
CA ASN A 309 11.16 2.87 -6.96
C ASN A 309 9.93 2.14 -7.54
N HIS A 310 10.13 1.00 -8.17
CA HIS A 310 9.01 0.25 -8.72
C HIS A 310 8.32 -0.63 -7.66
N ILE A 311 8.99 -0.81 -6.52
CA ILE A 311 8.43 -1.64 -5.44
C ILE A 311 8.85 -1.02 -4.10
N PRO A 312 8.49 0.25 -3.87
CA PRO A 312 8.88 0.92 -2.64
C PRO A 312 8.50 0.27 -1.33
N ASP A 313 7.33 -0.35 -1.27
CA ASP A 313 6.87 -0.97 -0.03
C ASP A 313 7.59 -2.29 0.25
N ALA A 314 7.52 -3.20 -0.71
CA ALA A 314 8.21 -4.47 -0.54
C ALA A 314 9.75 -4.25 -0.45
N ALA A 315 10.24 -3.15 -0.99
CA ALA A 315 11.69 -2.91 -0.94
C ALA A 315 12.21 -2.86 0.49
N MET A 316 11.37 -2.43 1.42
CA MET A 316 11.82 -2.36 2.82
C MET A 316 12.25 -3.74 3.31
N THR A 317 11.60 -4.78 2.78
CA THR A 317 11.92 -6.14 3.21
C THR A 317 13.35 -6.49 2.79
N ILE A 318 13.81 -5.95 1.67
CA ILE A 318 15.18 -6.22 1.26
C ILE A 318 16.15 -5.56 2.24
N ALA A 319 15.77 -4.42 2.83
CA ALA A 319 16.69 -3.76 3.77
C ALA A 319 17.02 -4.66 4.99
N THR A 320 16.06 -5.43 5.50
CA THR A 320 16.42 -6.30 6.62
C THR A 320 16.97 -7.62 6.11
N ALA A 321 16.51 -8.07 4.95
CA ALA A 321 17.07 -9.30 4.39
C ALA A 321 18.56 -9.08 4.12
N ALA A 322 18.95 -7.83 3.83
CA ALA A 322 20.35 -7.49 3.57
C ALA A 322 21.26 -7.82 4.75
N LEU A 323 20.69 -7.91 5.95
CA LEU A 323 21.50 -8.24 7.11
C LEU A 323 22.09 -9.64 6.98
N PHE A 324 21.46 -10.46 6.15
CA PHE A 324 21.89 -11.84 5.97
C PHE A 324 22.63 -12.07 4.66
N ALA A 325 22.81 -11.02 3.88
CA ALA A 325 23.45 -11.16 2.60
C ALA A 325 24.95 -10.94 2.66
N LYS A 326 25.64 -11.47 1.66
CA LYS A 326 27.08 -11.32 1.57
C LYS A 326 27.37 -10.02 0.83
N GLY A 327 28.02 -9.08 1.52
CA GLY A 327 28.35 -7.82 0.89
C GLY A 327 27.43 -6.70 1.33
N THR A 328 27.67 -5.52 0.76
CA THR A 328 26.92 -4.31 1.08
C THR A 328 25.79 -4.09 0.09
N THR A 329 24.58 -3.92 0.61
CA THR A 329 23.42 -3.69 -0.22
C THR A 329 23.07 -2.21 -0.28
N THR A 330 22.71 -1.75 -1.47
CA THR A 330 22.30 -0.35 -1.63
C THR A 330 20.95 -0.33 -2.36
N LEU A 331 19.96 0.33 -1.74
CA LEU A 331 18.64 0.45 -2.31
C LEU A 331 18.53 1.91 -2.68
N ARG A 332 18.30 2.17 -3.97
CA ARG A 332 18.26 3.54 -4.45
C ARG A 332 16.92 4.00 -4.99
N ASN A 333 16.80 5.33 -5.15
CA ASN A 333 15.63 5.97 -5.69
C ASN A 333 14.39 5.68 -4.87
N ILE A 334 14.55 5.86 -3.56
CA ILE A 334 13.46 5.64 -2.63
C ILE A 334 13.18 6.85 -1.75
N TYR A 335 13.31 8.04 -2.33
CA TYR A 335 13.01 9.25 -1.58
C TYR A 335 11.62 9.18 -0.95
N ASN A 336 10.65 8.64 -1.70
CA ASN A 336 9.28 8.61 -1.17
C ASN A 336 9.07 7.80 0.10
N TRP A 337 10.08 7.02 0.49
CA TRP A 337 10.01 6.33 1.78
C TRP A 337 9.82 7.39 2.87
N ARG A 338 10.29 8.60 2.63
CA ARG A 338 10.20 9.64 3.66
C ARG A 338 8.81 10.18 3.94
N VAL A 339 7.88 9.99 3.01
CA VAL A 339 6.55 10.53 3.19
C VAL A 339 5.45 9.53 3.43
N LYS A 340 5.83 8.32 3.83
CA LYS A 340 4.84 7.29 4.06
C LYS A 340 4.43 7.17 5.53
N GLU A 341 4.16 5.95 6.02
CA GLU A 341 3.70 5.79 7.41
C GLU A 341 4.59 6.48 8.42
N THR A 342 5.88 6.56 8.11
CA THR A 342 6.86 7.29 8.91
C THR A 342 7.92 7.63 7.88
N ASP A 343 8.97 8.34 8.28
CA ASP A 343 10.06 8.59 7.33
C ASP A 343 10.81 7.26 7.42
N ARG A 344 10.61 6.42 6.43
CA ARG A 344 11.21 5.09 6.47
C ARG A 344 12.73 5.05 6.24
N LEU A 345 13.29 6.07 5.60
CA LEU A 345 14.74 6.04 5.44
C LEU A 345 15.36 6.30 6.79
N PHE A 346 14.82 7.27 7.53
CA PHE A 346 15.36 7.53 8.84
C PHE A 346 15.08 6.35 9.78
N ALA A 347 13.86 5.85 9.76
CA ALA A 347 13.51 4.74 10.66
C ALA A 347 14.29 3.47 10.36
N MET A 348 14.38 3.10 9.08
CA MET A 348 15.08 1.87 8.74
C MET A 348 16.56 2.00 9.10
N ALA A 349 17.18 3.14 8.79
CA ALA A 349 18.59 3.29 9.11
C ALA A 349 18.83 3.20 10.62
N THR A 350 17.99 3.88 11.40
CA THR A 350 18.10 3.90 12.85
C THR A 350 17.96 2.51 13.44
N GLU A 351 16.93 1.76 13.03
CA GLU A 351 16.75 0.44 13.64
C GLU A 351 17.76 -0.61 13.16
N LEU A 352 18.18 -0.51 11.90
CA LEU A 352 19.18 -1.45 11.40
C LEU A 352 20.49 -1.32 12.18
N ARG A 353 20.86 -0.09 12.53
CA ARG A 353 22.10 0.08 13.26
C ARG A 353 22.00 -0.53 14.65
N LYS A 354 20.79 -0.59 15.19
CA LYS A 354 20.66 -1.16 16.51
C LYS A 354 20.99 -2.64 16.57
N VAL A 355 20.79 -3.37 15.47
CA VAL A 355 21.15 -4.80 15.45
C VAL A 355 22.59 -5.05 14.95
N GLY A 356 23.34 -3.97 14.73
CA GLY A 356 24.74 -4.11 14.35
C GLY A 356 25.20 -3.71 12.97
N ALA A 357 24.28 -3.37 12.08
CA ALA A 357 24.71 -2.97 10.74
C ALA A 357 25.31 -1.58 10.71
N GLU A 358 26.18 -1.37 9.73
CA GLU A 358 26.75 -0.05 9.49
C GLU A 358 25.86 0.42 8.35
N VAL A 359 25.25 1.59 8.53
CA VAL A 359 24.29 2.08 7.56
C VAL A 359 24.48 3.52 7.17
N GLU A 360 24.45 3.77 5.87
CA GLU A 360 24.49 5.12 5.39
C GLU A 360 23.07 5.49 4.98
N GLU A 361 22.49 6.48 5.64
CA GLU A 361 21.17 6.94 5.27
C GLU A 361 21.35 8.04 4.24
N GLY A 362 21.18 7.70 2.97
CA GLY A 362 21.30 8.71 1.93
C GLY A 362 20.02 9.53 1.88
N HIS A 363 20.02 10.63 1.15
CA HIS A 363 18.81 11.40 1.10
C HIS A 363 17.68 10.62 0.44
N ASP A 364 18.03 9.81 -0.57
CA ASP A 364 17.03 9.02 -1.27
C ASP A 364 17.50 7.59 -1.52
N TYR A 365 18.39 7.11 -0.67
CA TYR A 365 18.89 5.72 -0.79
C TYR A 365 19.37 5.27 0.57
N ILE A 366 19.61 3.97 0.71
CA ILE A 366 20.13 3.45 1.97
C ILE A 366 21.18 2.41 1.61
N ARG A 367 22.33 2.48 2.29
CA ARG A 367 23.44 1.56 2.05
C ARG A 367 23.64 0.80 3.34
N ILE A 368 23.63 -0.53 3.22
CA ILE A 368 23.66 -1.41 4.38
C ILE A 368 24.80 -2.41 4.36
N THR A 369 25.67 -2.36 5.37
CA THR A 369 26.77 -3.31 5.48
C THR A 369 26.46 -4.16 6.72
N PRO A 370 26.14 -5.44 6.51
CA PRO A 370 25.81 -6.31 7.65
C PRO A 370 26.95 -6.56 8.61
N PRO A 371 26.62 -6.83 9.87
CA PRO A 371 27.68 -7.09 10.85
C PRO A 371 28.03 -8.58 10.68
N GLU A 372 29.14 -9.00 11.27
CA GLU A 372 29.51 -10.41 11.20
C GLU A 372 28.41 -11.20 11.92
N LYS A 373 27.90 -10.65 13.01
CA LYS A 373 26.81 -11.32 13.71
C LYS A 373 25.87 -10.27 14.28
N LEU A 374 24.58 -10.59 14.28
CA LEU A 374 23.58 -9.66 14.76
C LEU A 374 23.53 -9.67 16.26
N ASN A 375 23.08 -8.56 16.84
CA ASN A 375 22.92 -8.50 18.28
C ASN A 375 21.47 -8.19 18.59
N PHE A 376 21.09 -8.44 19.84
CA PHE A 376 19.74 -8.18 20.25
C PHE A 376 19.44 -6.68 20.24
N ALA A 377 18.22 -6.34 19.87
CA ALA A 377 17.76 -4.98 19.95
C ALA A 377 16.24 -4.98 20.20
N GLU A 378 15.79 -3.88 20.79
CA GLU A 378 14.39 -3.62 21.01
C GLU A 378 14.11 -2.64 19.88
N ILE A 379 13.33 -3.08 18.91
CA ILE A 379 13.04 -2.30 17.69
C ILE A 379 11.83 -1.39 17.82
N ALA A 380 12.03 -0.09 17.53
CA ALA A 380 10.96 0.90 17.55
C ALA A 380 10.28 0.73 16.20
N THR A 381 8.96 0.87 16.18
CA THR A 381 8.21 0.64 14.96
C THR A 381 7.51 1.84 14.33
N TYR A 382 7.56 3.00 14.98
CA TYR A 382 7.09 4.24 14.34
C TYR A 382 5.68 4.21 13.79
N ASN A 383 4.80 3.46 14.46
CA ASN A 383 3.40 3.31 14.03
C ASN A 383 3.37 2.84 12.58
N ASP A 384 4.36 2.04 12.22
CA ASP A 384 4.49 1.58 10.84
C ASP A 384 4.53 0.06 10.75
N HIS A 385 3.41 -0.52 10.33
CA HIS A 385 3.28 -1.96 10.14
C HIS A 385 4.50 -2.59 9.49
N ARG A 386 5.08 -1.95 8.47
CA ARG A 386 6.21 -2.57 7.81
C ARG A 386 7.50 -2.57 8.60
N MET A 387 7.65 -1.65 9.54
CA MET A 387 8.86 -1.68 10.35
C MET A 387 8.80 -2.95 11.21
N ALA A 388 7.62 -3.22 11.77
CA ALA A 388 7.46 -4.42 12.59
C ALA A 388 7.67 -5.68 11.75
N MET A 389 7.06 -5.72 10.58
CA MET A 389 7.20 -6.92 9.76
C MET A 389 8.62 -7.10 9.21
N CYS A 390 9.25 -6.02 8.78
CA CYS A 390 10.63 -6.15 8.28
C CYS A 390 11.57 -6.63 9.37
N PHE A 391 11.43 -6.08 10.57
CA PHE A 391 12.37 -6.48 11.61
C PHE A 391 12.10 -7.84 12.24
N SER A 392 10.92 -8.41 11.98
CA SER A 392 10.66 -9.75 12.47
C SER A 392 11.70 -10.71 11.86
N LEU A 393 12.23 -10.36 10.68
CA LEU A 393 13.21 -11.23 10.00
C LEU A 393 14.52 -11.35 10.74
N VAL A 394 14.77 -10.42 11.67
CA VAL A 394 16.00 -10.49 12.47
C VAL A 394 16.05 -11.82 13.25
N ALA A 395 14.88 -12.35 13.61
CA ALA A 395 14.84 -13.61 14.36
C ALA A 395 15.26 -14.84 13.54
N LEU A 396 15.56 -14.66 12.25
CA LEU A 396 16.01 -15.79 11.42
C LEU A 396 17.52 -15.87 11.58
N SER A 397 17.98 -15.61 12.78
CA SER A 397 19.40 -15.60 13.09
C SER A 397 19.55 -16.30 14.41
N ASP A 398 20.70 -16.12 15.04
CA ASP A 398 20.93 -16.74 16.35
C ASP A 398 20.44 -15.86 17.49
N THR A 399 19.94 -14.67 17.18
CA THR A 399 19.48 -13.80 18.24
C THR A 399 18.00 -13.49 18.22
N PRO A 400 17.40 -13.37 19.41
CA PRO A 400 15.98 -13.03 19.42
C PRO A 400 15.92 -11.50 19.09
N VAL A 401 14.70 -11.01 18.89
CA VAL A 401 14.52 -9.58 18.66
C VAL A 401 13.22 -9.21 19.36
N THR A 402 13.16 -8.01 19.93
CA THR A 402 11.93 -7.56 20.57
C THR A 402 11.39 -6.44 19.68
N ILE A 403 10.11 -6.55 19.33
CA ILE A 403 9.46 -5.59 18.45
C ILE A 403 8.45 -4.81 19.27
N LEU A 404 8.60 -3.49 19.30
CA LEU A 404 7.67 -2.66 20.08
C LEU A 404 6.38 -2.47 19.29
N ASP A 405 5.27 -2.34 20.00
CA ASP A 405 3.96 -2.10 19.38
C ASP A 405 3.69 -3.03 18.20
N PRO A 406 3.80 -4.34 18.42
CA PRO A 406 3.56 -5.32 17.36
C PRO A 406 2.20 -5.22 16.69
N LYS A 407 1.20 -4.71 17.40
CA LYS A 407 -0.11 -4.60 16.79
C LYS A 407 -0.18 -3.56 15.69
N CYS A 408 0.90 -2.79 15.50
CA CYS A 408 0.89 -1.81 14.43
C CYS A 408 0.80 -2.57 13.09
N THR A 409 1.09 -3.86 13.09
CA THR A 409 0.99 -4.60 11.81
C THR A 409 -0.46 -4.62 11.31
N ALA A 410 -1.42 -4.37 12.19
CA ALA A 410 -2.82 -4.39 11.80
C ALA A 410 -3.23 -3.40 10.71
N LYS A 411 -2.37 -2.42 10.41
CA LYS A 411 -2.69 -1.46 9.36
C LYS A 411 -3.02 -2.24 8.09
N THR A 412 -2.23 -3.29 7.81
CA THR A 412 -2.46 -4.13 6.63
C THR A 412 -2.44 -5.63 6.90
N PHE A 413 -2.04 -6.06 8.09
CA PHE A 413 -1.87 -7.49 8.28
C PHE A 413 -1.99 -7.85 9.76
N PRO A 414 -3.21 -7.83 10.27
CA PRO A 414 -3.45 -8.14 11.69
C PRO A 414 -2.85 -9.45 12.16
N ASP A 415 -2.93 -10.48 11.34
CA ASP A 415 -2.43 -11.80 11.75
C ASP A 415 -0.98 -12.09 11.37
N TYR A 416 -0.21 -11.04 11.09
CA TYR A 416 1.16 -11.27 10.68
C TYR A 416 2.00 -12.24 11.52
N PHE A 417 2.06 -12.02 12.83
CA PHE A 417 2.93 -12.88 13.63
C PHE A 417 2.47 -14.31 13.71
N GLU A 418 1.16 -14.53 13.72
CA GLU A 418 0.66 -15.89 13.73
C GLU A 418 1.04 -16.56 12.40
N GLN A 419 1.01 -15.81 11.29
CA GLN A 419 1.36 -16.40 9.99
C GLN A 419 2.86 -16.69 9.89
N LEU A 420 3.70 -15.79 10.41
CA LEU A 420 5.13 -16.03 10.39
C LEU A 420 5.39 -17.27 11.26
N ALA A 421 4.68 -17.38 12.38
CA ALA A 421 4.87 -18.55 13.26
C ALA A 421 4.49 -19.84 12.55
N ARG A 422 3.47 -19.77 11.69
CA ARG A 422 3.00 -20.94 10.97
C ARG A 422 4.11 -21.58 10.11
N ILE A 423 4.98 -20.77 9.52
CA ILE A 423 6.08 -21.31 8.72
C ILE A 423 7.39 -21.43 9.50
N SER A 424 7.40 -21.00 10.77
CA SER A 424 8.63 -21.10 11.56
C SER A 424 8.78 -22.50 12.12
N GLN A 425 9.95 -23.10 11.89
CA GLN A 425 10.20 -24.46 12.34
C GLN A 425 11.39 -24.48 13.28
N ALA A 426 11.38 -25.47 14.17
CA ALA A 426 12.44 -25.61 15.15
C ALA A 426 13.56 -26.50 14.64
N ALA A 427 13.23 -27.38 13.70
CA ALA A 427 14.19 -28.32 13.13
C ALA A 427 14.16 -28.28 11.59
O12 SKM B . 3.48 3.11 -1.11
C8 SKM B . 2.31 2.68 -1.82
C6 SKM B . 1.10 2.60 -0.90
O7 SKM B . 1.39 1.70 0.16
C5 SKM B . -0.09 2.07 -1.73
C4 SKM B . -0.29 2.67 -3.02
C1 SKM B . -1.59 2.49 -3.74
O2 SKM B . -1.88 3.33 -4.64
O3 SKM B . -2.25 1.49 -3.48
C10 SKM B . 0.72 3.42 -3.65
C9 SKM B . 2.04 3.67 -2.96
O11 SKM B . 2.11 5.06 -2.50
P1 GPJ C . -0.61 4.44 2.44
O1 GPJ C . -1.26 3.18 1.95
O2 GPJ C . -0.78 5.60 1.48
O3 GPJ C . -1.06 4.80 3.79
O4 GPJ C . 1.71 0.17 2.84
O5 GPJ C . 3.89 0.35 2.97
C1 GPJ C . 1.08 4.18 2.53
C2 GPJ C . 2.77 2.33 2.71
C3 GPJ C . 2.80 0.82 2.86
N1 GPJ C . 1.38 2.79 2.62
C FMT D . 23.38 -14.19 13.36
O1 FMT D . 23.00 -14.51 14.49
O2 FMT D . 24.07 -13.16 13.14
C FMT E . 2.64 8.14 -1.45
O1 FMT E . 1.55 8.76 -1.45
O2 FMT E . 3.17 7.74 -0.40
C FMT F . -13.61 26.27 6.69
O1 FMT F . -12.47 26.77 6.71
O2 FMT F . -14.10 25.68 7.69
C FMT G . 4.29 6.38 -4.66
O1 FMT G . 3.06 6.26 -4.85
O2 FMT G . 5.02 5.40 -4.37
C FMT H . -23.22 -0.02 6.00
O1 FMT H . -22.72 0.15 7.14
O2 FMT H . -24.14 -0.84 5.79
C FMT I . -21.23 -10.81 3.17
O1 FMT I . -22.29 -10.49 3.77
O2 FMT I . -20.83 -12.00 3.11
C FMT J . 24.48 -15.93 2.08
O1 FMT J . 25.22 -15.91 3.10
O2 FMT J . 24.66 -16.69 1.09
C FMT K . 9.47 5.06 17.02
O1 FMT K . 10.12 5.84 17.79
O2 FMT K . 8.48 4.37 17.39
C FMT L . -15.14 8.04 10.36
O1 FMT L . -15.77 7.72 9.33
O2 FMT L . -15.20 9.15 10.91
#